data_6BTN
#
_entry.id   6BTN
#
_cell.length_a   43.690
_cell.length_b   90.239
_cell.length_c   124.400
_cell.angle_alpha   90.000
_cell.angle_beta   90.000
_cell.angle_gamma   90.000
#
_symmetry.space_group_name_H-M   'P 21 21 21'
#
loop_
_entity.id
_entity.type
_entity.pdbx_description
1 polymer 'Bone morphogenetic protein 1'
2 non-polymer 1,2-ETHANEDIOL
3 non-polymer 'ZINC ION'
4 non-polymer (3S)-6-cyclohexyl-3-{3-[(dimethylamino)methyl]-1,2,4-oxadiazol-5-yl}-N-hydroxyhexanamide
5 water water
#
_entity_poly.entity_id   1
_entity_poly.type   'polypeptide(L)'
_entity_poly.pdbx_seq_one_letter_code
;(ACE)AATSRPERVWPDGVIPFVIGGNFTGSQRAVFRQAMRHWEKHTCVTFLERTDEDSYIVFTYRPCGCCSYVGRRGGG
PQAISIGKNCDKFGIVVHELGHVVGFWHEHTRPDRDRHVSIVRENIQPGQEYNFLKMEPQEVESLGETYDFDSIMHYARN
TFSRGIFLDTIVPKYEVNGVKPPIGQRTRLSKGDIAQARKLYKCPA
;
_entity_poly.pdbx_strand_id   A,B
#
loop_
_chem_comp.id
_chem_comp.type
_chem_comp.name
_chem_comp.formula
ACE non-polymer 'ACETYL GROUP' 'C2 H4 O'
E8M non-polymer (3S)-6-cyclohexyl-3-{3-[(dimethylamino)methyl]-1,2,4-oxadiazol-5-yl}-N-hydroxyhexanamide 'C17 H30 N4 O3'
EDO non-polymer 1,2-ETHANEDIOL 'C2 H6 O2'
ZN non-polymer 'ZINC ION' 'Zn 2'
#
# COMPACT_ATOMS: atom_id res chain seq x y z
C ACE A 1 -12.19 19.21 -1.77
O ACE A 1 -13.10 19.31 -0.96
CH3 ACE A 1 -11.79 20.46 -2.46
N ALA A 2 -11.52 18.07 -1.99
CA ALA A 2 -10.28 18.03 -2.81
C ALA A 2 -10.63 17.70 -4.26
N ALA A 3 -11.46 18.53 -4.89
CA ALA A 3 -11.86 18.38 -6.27
C ALA A 3 -10.70 18.74 -7.19
N THR A 4 -10.43 17.86 -8.17
CA THR A 4 -9.34 18.09 -9.11
C THR A 4 -9.49 19.45 -9.77
N SER A 5 -8.38 20.17 -9.92
CA SER A 5 -8.38 21.44 -10.66
C SER A 5 -8.25 21.23 -12.17
N ARG A 6 -8.02 19.99 -12.61
CA ARG A 6 -7.73 19.72 -14.01
C ARG A 6 -9.04 19.54 -14.83
N PRO A 7 -9.33 20.49 -15.75
CA PRO A 7 -10.54 20.34 -16.57
C PRO A 7 -10.59 19.03 -17.35
N GLU A 8 -9.44 18.56 -17.85
CA GLU A 8 -9.40 17.33 -18.67
C GLU A 8 -9.74 16.06 -17.86
N ARG A 9 -9.72 16.15 -16.54
CA ARG A 9 -10.10 15.02 -15.71
C ARG A 9 -11.58 14.94 -15.34
N VAL A 10 -12.38 15.91 -15.78
CA VAL A 10 -13.83 15.87 -15.57
C VAL A 10 -14.44 15.04 -16.69
N TRP A 11 -15.21 14.01 -16.33
CA TRP A 11 -15.82 13.14 -17.34
C TRP A 11 -16.79 13.97 -18.21
N PRO A 12 -16.56 14.05 -19.54
CA PRO A 12 -17.45 14.91 -20.35
C PRO A 12 -18.92 14.55 -20.24
N ASP A 13 -19.76 15.56 -20.01
CA ASP A 13 -21.21 15.40 -19.77
C ASP A 13 -21.54 14.50 -18.58
N GLY A 14 -20.59 14.31 -17.66
CA GLY A 14 -20.75 13.42 -16.53
C GLY A 14 -20.96 11.94 -16.86
N VAL A 15 -20.62 11.52 -18.08
CA VAL A 15 -20.85 10.12 -18.50
C VAL A 15 -19.61 9.29 -18.19
N ILE A 16 -19.81 8.25 -17.39
CA ILE A 16 -18.71 7.40 -16.94
C ILE A 16 -18.99 5.98 -17.44
N PRO A 17 -18.38 5.60 -18.58
CA PRO A 17 -18.50 4.22 -19.02
C PRO A 17 -17.76 3.24 -18.10
N PHE A 18 -18.32 2.04 -17.95
CA PHE A 18 -17.82 1.05 -17.00
C PHE A 18 -17.96 -0.39 -17.50
N VAL A 19 -17.03 -1.21 -17.05
CA VAL A 19 -17.00 -2.64 -17.29
C VAL A 19 -16.82 -3.26 -15.91
N ILE A 20 -17.54 -4.33 -15.63
CA ILE A 20 -17.31 -5.14 -14.44
C ILE A 20 -16.54 -6.38 -14.86
N GLY A 21 -15.35 -6.56 -14.31
CA GLY A 21 -14.57 -7.75 -14.61
C GLY A 21 -15.27 -9.03 -14.18
N GLY A 22 -14.75 -10.15 -14.64
CA GLY A 22 -15.19 -11.45 -14.14
C GLY A 22 -14.71 -11.68 -12.72
N ASN A 23 -15.09 -12.83 -12.19
CA ASN A 23 -14.68 -13.31 -10.86
C ASN A 23 -15.45 -12.72 -9.67
N PHE A 24 -16.29 -11.69 -9.89
CA PHE A 24 -17.15 -11.18 -8.80
C PHE A 24 -18.41 -12.02 -8.65
N THR A 25 -18.89 -12.16 -7.41
CA THR A 25 -20.21 -12.76 -7.18
C THR A 25 -21.29 -11.77 -7.60
N GLY A 26 -22.50 -12.27 -7.83
CA GLY A 26 -23.68 -11.43 -8.00
C GLY A 26 -23.87 -10.46 -6.84
N SER A 27 -23.64 -10.97 -5.63
CA SER A 27 -23.73 -10.16 -4.42
C SER A 27 -22.81 -8.93 -4.45
N GLN A 28 -21.58 -9.15 -4.90
CA GLN A 28 -20.61 -8.08 -5.10
C GLN A 28 -21.02 -7.13 -6.23
N ARG A 29 -21.54 -7.67 -7.33
CA ARG A 29 -21.98 -6.86 -8.47
C ARG A 29 -23.12 -5.94 -8.03
N ALA A 30 -24.02 -6.47 -7.21
CA ALA A 30 -25.11 -5.66 -6.65
C ALA A 30 -24.60 -4.44 -5.90
N VAL A 31 -23.51 -4.61 -5.13
CA VAL A 31 -22.91 -3.49 -4.41
C VAL A 31 -22.44 -2.43 -5.39
N PHE A 32 -21.81 -2.83 -6.49
CA PHE A 32 -21.33 -1.85 -7.48
C PHE A 32 -22.49 -1.04 -8.07
N ARG A 33 -23.58 -1.72 -8.39
CA ARG A 33 -24.74 -1.05 -8.92
C ARG A 33 -25.32 -0.08 -7.89
N GLN A 34 -25.40 -0.52 -6.64
CA GLN A 34 -25.92 0.32 -5.58
C GLN A 34 -25.10 1.59 -5.44
N ALA A 35 -23.78 1.43 -5.45
CA ALA A 35 -22.88 2.58 -5.32
C ALA A 35 -22.97 3.55 -6.50
N MET A 36 -22.94 2.99 -7.71
CA MET A 36 -23.18 3.80 -8.91
C MET A 36 -24.54 4.50 -8.90
N ARG A 37 -25.61 3.80 -8.50
CA ARG A 37 -26.96 4.40 -8.40
C ARG A 37 -27.00 5.56 -7.39
N HIS A 38 -26.33 5.35 -6.27
CA HIS A 38 -26.21 6.36 -5.23
C HIS A 38 -25.63 7.67 -5.79
N TRP A 39 -24.54 7.58 -6.53
CA TRP A 39 -24.01 8.75 -7.22
C TRP A 39 -25.00 9.38 -8.24
N GLU A 40 -25.61 8.52 -9.07
CA GLU A 40 -26.58 8.93 -10.11
C GLU A 40 -27.82 9.64 -9.57
N LYS A 41 -28.26 9.20 -8.41
CA LYS A 41 -29.48 9.68 -7.80
C LYS A 41 -29.33 11.07 -7.20
N HIS A 42 -28.11 11.41 -6.77
CA HIS A 42 -27.84 12.67 -6.08
C HIS A 42 -27.09 13.73 -6.92
N THR A 43 -26.54 13.34 -8.07
CA THR A 43 -25.81 14.25 -8.95
C THR A 43 -26.23 14.00 -10.38
N CYS A 44 -25.67 14.74 -11.34
CA CYS A 44 -25.94 14.50 -12.78
C CYS A 44 -24.95 13.51 -13.44
N VAL A 45 -24.12 12.86 -12.62
CA VAL A 45 -23.22 11.82 -13.11
C VAL A 45 -24.05 10.59 -13.51
N THR A 46 -23.65 9.92 -14.59
CA THR A 46 -24.33 8.71 -15.05
C THR A 46 -23.29 7.66 -15.43
N PHE A 47 -23.61 6.40 -15.10
CA PHE A 47 -22.76 5.25 -15.41
C PHE A 47 -23.37 4.43 -16.55
N LEU A 48 -22.57 4.16 -17.59
CA LEU A 48 -23.04 3.51 -18.83
C LEU A 48 -22.22 2.25 -19.06
N GLU A 49 -22.86 1.15 -19.45
CA GLU A 49 -22.12 -0.06 -19.81
C GLU A 49 -21.21 0.27 -21.00
N ARG A 50 -19.91 0.02 -20.85
CA ARG A 50 -18.95 0.40 -21.87
C ARG A 50 -19.14 -0.42 -23.16
N THR A 51 -19.07 0.27 -24.31
CA THR A 51 -19.07 -0.36 -25.63
C THR A 51 -17.73 -0.12 -26.33
N ASP A 52 -17.50 1.08 -26.88
CA ASP A 52 -16.28 1.39 -27.66
C ASP A 52 -15.50 2.63 -27.18
N GLU A 53 -15.81 3.11 -25.97
CA GLU A 53 -15.21 4.34 -25.44
C GLU A 53 -13.79 4.00 -25.00
N ASP A 54 -12.86 4.92 -25.26
CA ASP A 54 -11.45 4.74 -24.89
C ASP A 54 -11.21 4.80 -23.39
N SER A 55 -11.87 5.77 -22.74
CA SER A 55 -11.78 5.94 -21.30
C SER A 55 -12.99 5.32 -20.63
N TYR A 56 -12.74 4.44 -19.67
CA TYR A 56 -13.79 3.81 -18.88
C TYR A 56 -13.19 3.20 -17.61
N ILE A 57 -14.05 2.89 -16.66
CA ILE A 57 -13.60 2.30 -15.39
C ILE A 57 -13.83 0.79 -15.43
N VAL A 58 -12.94 0.04 -14.79
CA VAL A 58 -13.07 -1.41 -14.71
C VAL A 58 -13.02 -1.82 -13.23
N PHE A 59 -14.13 -2.37 -12.74
CA PHE A 59 -14.17 -2.98 -11.41
C PHE A 59 -13.38 -4.27 -11.55
N THR A 60 -12.25 -4.35 -10.87
CA THR A 60 -11.25 -5.39 -11.14
C THR A 60 -11.02 -6.26 -9.90
N TYR A 61 -11.28 -7.57 -10.03
CA TYR A 61 -11.20 -8.49 -8.91
C TYR A 61 -9.75 -8.77 -8.58
N ARG A 62 -9.27 -8.15 -7.52
CA ARG A 62 -7.89 -8.32 -7.09
C ARG A 62 -7.70 -7.70 -5.70
N PRO A 63 -6.58 -8.01 -5.02
CA PRO A 63 -6.33 -7.46 -3.69
C PRO A 63 -6.49 -5.93 -3.62
N CYS A 64 -7.00 -5.46 -2.49
CA CYS A 64 -7.12 -4.04 -2.20
C CYS A 64 -5.72 -3.44 -2.25
N GLY A 65 -5.60 -2.22 -2.79
CA GLY A 65 -4.33 -1.53 -2.71
C GLY A 65 -4.35 -0.10 -3.19
N CYS A 66 -3.42 0.68 -2.63
CA CYS A 66 -3.11 2.01 -3.16
C CYS A 66 -2.58 1.86 -4.63
N CYS A 67 -2.84 2.80 -5.55
CA CYS A 67 -3.69 3.98 -5.40
C CYS A 67 -4.53 4.19 -6.67
N SER A 68 -5.78 4.57 -6.47
CA SER A 68 -6.75 4.70 -7.56
C SER A 68 -6.51 5.99 -8.32
N TYR A 69 -6.81 5.97 -9.63
CA TYR A 69 -6.71 7.17 -10.46
C TYR A 69 -7.84 8.13 -10.07
N VAL A 70 -7.53 9.42 -10.04
CA VAL A 70 -8.49 10.45 -9.65
C VAL A 70 -8.95 11.19 -10.91
N GLY A 71 -10.25 11.16 -11.17
CA GLY A 71 -10.81 11.72 -12.39
C GLY A 71 -10.65 10.80 -13.59
N ARG A 72 -10.93 11.34 -14.76
CA ARG A 72 -10.86 10.62 -16.03
C ARG A 72 -9.39 10.53 -16.51
N ARG A 73 -8.83 9.33 -16.54
CA ARG A 73 -7.56 9.11 -17.23
C ARG A 73 -7.80 9.19 -18.72
N GLY A 74 -7.04 10.00 -19.43
CA GLY A 74 -7.18 10.07 -20.88
C GLY A 74 -6.67 8.82 -21.59
N GLY A 75 -7.43 8.34 -22.59
CA GLY A 75 -6.91 7.42 -23.60
C GLY A 75 -6.84 5.92 -23.32
N GLY A 76 -7.25 5.48 -22.13
CA GLY A 76 -7.29 4.05 -21.80
C GLY A 76 -7.97 3.82 -20.46
N PRO A 77 -8.36 2.55 -20.18
CA PRO A 77 -9.15 2.28 -18.99
C PRO A 77 -8.40 2.47 -17.69
N GLN A 78 -9.16 2.66 -16.62
CA GLN A 78 -8.61 2.78 -15.28
C GLN A 78 -9.31 1.75 -14.41
N ALA A 79 -8.51 1.00 -13.67
CA ALA A 79 -9.02 -0.10 -12.88
C ALA A 79 -9.39 0.40 -11.51
N ILE A 80 -10.51 -0.07 -10.94
CA ILE A 80 -10.80 0.07 -9.51
C ILE A 80 -10.56 -1.30 -8.90
N SER A 81 -9.69 -1.34 -7.89
CA SER A 81 -9.34 -2.59 -7.19
C SER A 81 -10.36 -2.92 -6.11
N ILE A 82 -11.09 -4.00 -6.34
CA ILE A 82 -12.07 -4.48 -5.37
C ILE A 82 -11.58 -5.85 -4.92
N GLY A 83 -11.19 -5.94 -3.66
CA GLY A 83 -10.83 -7.22 -3.05
C GLY A 83 -11.74 -7.55 -1.89
N LYS A 84 -11.54 -8.74 -1.32
CA LYS A 84 -12.30 -9.26 -0.15
C LYS A 84 -12.47 -8.22 0.95
N ASN A 85 -11.43 -7.43 1.23
CA ASN A 85 -11.50 -6.43 2.30
C ASN A 85 -11.98 -5.03 1.88
N CYS A 86 -12.41 -4.81 0.64
CA CYS A 86 -12.81 -3.46 0.19
C CYS A 86 -13.91 -3.52 -0.87
N ASP A 87 -14.93 -4.30 -0.55
CA ASP A 87 -16.05 -4.53 -1.49
C ASP A 87 -17.40 -4.09 -0.91
N LYS A 88 -17.41 -3.40 0.22
CA LYS A 88 -18.66 -2.89 0.79
C LYS A 88 -19.05 -1.55 0.18
N PHE A 89 -20.36 -1.29 0.23
CA PHE A 89 -20.97 -0.10 -0.33
C PHE A 89 -20.19 1.20 -0.06
N GLY A 90 -19.90 1.50 1.21
CA GLY A 90 -19.20 2.73 1.58
C GLY A 90 -17.86 2.93 0.86
N ILE A 91 -17.07 1.87 0.81
CA ILE A 91 -15.74 1.90 0.18
C ILE A 91 -15.87 2.07 -1.32
N VAL A 92 -16.84 1.39 -1.92
CA VAL A 92 -17.08 1.55 -3.36
C VAL A 92 -17.56 2.98 -3.69
N VAL A 93 -18.47 3.53 -2.87
CA VAL A 93 -18.91 4.92 -3.07
C VAL A 93 -17.69 5.88 -3.00
N HIS A 94 -16.80 5.64 -2.04
CA HIS A 94 -15.52 6.39 -1.91
C HIS A 94 -14.66 6.28 -3.18
N GLU A 95 -14.47 5.06 -3.65
CA GLU A 95 -13.64 4.81 -4.86
C GLU A 95 -14.22 5.48 -6.10
N LEU A 96 -15.55 5.48 -6.21
CA LEU A 96 -16.23 6.18 -7.27
C LEU A 96 -16.06 7.70 -7.13
N GLY A 97 -15.92 8.19 -5.91
CA GLY A 97 -15.56 9.58 -5.70
C GLY A 97 -14.22 9.93 -6.32
N HIS A 98 -13.25 9.04 -6.18
CA HIS A 98 -11.98 9.20 -6.87
C HIS A 98 -12.23 9.28 -8.38
N VAL A 99 -12.97 8.30 -8.91
CA VAL A 99 -13.31 8.29 -10.33
C VAL A 99 -13.90 9.63 -10.81
N VAL A 100 -14.82 10.23 -10.05
CA VAL A 100 -15.51 11.45 -10.55
C VAL A 100 -14.60 12.69 -10.47
N GLY A 101 -13.55 12.61 -9.65
CA GLY A 101 -12.51 13.61 -9.59
C GLY A 101 -12.11 14.16 -8.23
N PHE A 102 -12.39 13.43 -7.16
CA PHE A 102 -12.01 13.86 -5.81
C PHE A 102 -10.81 13.10 -5.28
N TRP A 103 -9.86 13.87 -4.75
CA TRP A 103 -8.82 13.35 -3.86
C TRP A 103 -9.44 13.23 -2.48
N HIS A 104 -8.67 12.71 -1.55
CA HIS A 104 -9.14 12.61 -0.18
C HIS A 104 -9.33 14.00 0.44
N GLU A 105 -10.43 14.17 1.17
CA GLU A 105 -10.75 15.46 1.81
C GLU A 105 -9.65 15.96 2.75
N HIS A 106 -9.06 15.03 3.49
CA HIS A 106 -7.97 15.34 4.42
C HIS A 106 -6.64 15.66 3.72
N THR A 107 -6.60 15.63 2.39
CA THR A 107 -5.47 16.14 1.62
C THR A 107 -5.73 17.45 0.89
N ARG A 108 -6.89 18.10 1.13
CA ARG A 108 -7.10 19.45 0.62
C ARG A 108 -5.90 20.34 0.98
N PRO A 109 -5.52 21.27 0.08
CA PRO A 109 -4.45 22.24 0.37
C PRO A 109 -4.58 23.01 1.70
N ASP A 110 -5.83 23.24 2.13
CA ASP A 110 -6.12 23.90 3.42
C ASP A 110 -6.28 22.95 4.63
N ARG A 111 -5.92 21.68 4.48
CA ARG A 111 -6.26 20.65 5.48
C ARG A 111 -5.63 20.87 6.85
N ASP A 112 -4.43 21.46 6.90
CA ASP A 112 -3.78 21.72 8.21
C ASP A 112 -4.50 22.79 9.04
N ARG A 113 -5.43 23.54 8.44
CA ARG A 113 -6.32 24.39 9.23
C ARG A 113 -7.41 23.61 9.99
N HIS A 114 -7.67 22.37 9.57
CA HIS A 114 -8.82 21.61 10.03
C HIS A 114 -8.46 20.28 10.76
N VAL A 115 -7.37 19.64 10.35
CA VAL A 115 -6.91 18.40 10.98
C VAL A 115 -5.39 18.39 11.14
N SER A 116 -4.91 17.49 11.98
CA SER A 116 -3.49 17.11 12.04
C SER A 116 -3.36 15.67 11.60
N ILE A 117 -2.41 15.41 10.69
CA ILE A 117 -2.01 14.06 10.31
C ILE A 117 -0.92 13.59 11.29
N VAL A 118 -1.02 12.36 11.76
CA VAL A 118 0.02 11.76 12.58
C VAL A 118 0.72 10.69 11.73
N ARG A 119 1.73 11.13 10.99
CA ARG A 119 2.39 10.32 9.95
C ARG A 119 3.10 9.05 10.50
N GLU A 120 3.60 9.15 11.73
CA GLU A 120 4.25 8.05 12.46
C GLU A 120 3.32 6.87 12.58
N ASN A 121 2.02 7.15 12.74
CA ASN A 121 0.98 6.13 12.95
C ASN A 121 0.41 5.48 11.68
N ILE A 122 0.80 5.98 10.49
CA ILE A 122 0.32 5.42 9.23
C ILE A 122 1.13 4.16 8.90
N GLN A 123 0.43 3.14 8.39
CA GLN A 123 1.07 1.91 7.91
C GLN A 123 2.03 2.21 6.75
N PRO A 124 3.28 1.68 6.80
CA PRO A 124 4.24 1.90 5.72
C PRO A 124 3.70 1.53 4.35
N GLY A 125 3.85 2.44 3.41
CA GLY A 125 3.32 2.25 2.07
C GLY A 125 1.97 2.89 1.83
N GLN A 126 1.28 3.31 2.89
CA GLN A 126 -0.04 3.96 2.78
C GLN A 126 -0.02 5.50 2.98
N GLU A 127 1.16 6.10 3.15
CA GLU A 127 1.29 7.55 3.39
C GLU A 127 0.87 8.35 2.14
N TYR A 128 0.94 7.71 0.97
CA TYR A 128 0.41 8.28 -0.27
C TYR A 128 -1.00 8.81 -0.08
N ASN A 129 -1.82 8.05 0.67
CA ASN A 129 -3.22 8.41 0.93
C ASN A 129 -3.41 9.66 1.82
N PHE A 130 -2.35 10.13 2.48
CA PHE A 130 -2.41 11.23 3.44
C PHE A 130 -1.64 12.48 3.00
N LEU A 131 -0.90 12.36 1.90
CA LEU A 131 -0.01 13.40 1.45
C LEU A 131 -0.85 14.58 0.98
N LYS A 132 -0.55 15.77 1.49
CA LYS A 132 -1.29 16.97 1.13
C LYS A 132 -1.18 17.33 -0.35
N MET A 133 -2.31 17.63 -1.00
CA MET A 133 -2.30 18.06 -2.40
C MET A 133 -1.68 19.46 -2.51
N GLU A 134 -0.87 19.68 -3.54
CA GLU A 134 -0.37 21.02 -3.81
C GLU A 134 -1.54 21.88 -4.28
N PRO A 135 -1.51 23.19 -3.96
CA PRO A 135 -2.70 24.03 -4.17
C PRO A 135 -3.17 24.12 -5.62
N GLN A 136 -2.25 24.01 -6.57
CA GLN A 136 -2.63 24.07 -7.97
C GLN A 136 -3.34 22.84 -8.48
N GLU A 137 -3.32 21.75 -7.70
CA GLU A 137 -3.94 20.49 -8.09
C GLU A 137 -5.41 20.34 -7.67
N VAL A 138 -5.89 21.27 -6.84
CA VAL A 138 -7.23 21.24 -6.29
C VAL A 138 -7.91 22.58 -6.53
N GLU A 139 -9.17 22.52 -6.97
CA GLU A 139 -10.06 23.68 -7.00
C GLU A 139 -11.33 23.32 -6.22
N SER A 140 -11.46 23.85 -5.01
CA SER A 140 -12.56 23.48 -4.12
C SER A 140 -13.95 24.04 -4.46
N LEU A 141 -14.03 24.96 -5.42
CA LEU A 141 -15.29 25.54 -5.92
C LEU A 141 -16.08 26.27 -4.84
N GLY A 142 -15.36 26.98 -3.97
CA GLY A 142 -15.98 27.72 -2.87
C GLY A 142 -16.54 26.90 -1.73
N GLU A 143 -16.31 25.59 -1.73
CA GLU A 143 -16.87 24.73 -0.71
C GLU A 143 -15.87 24.58 0.42
N THR A 144 -16.34 24.64 1.67
CA THR A 144 -15.47 24.50 2.82
C THR A 144 -15.16 23.04 3.12
N TYR A 145 -14.10 22.86 3.92
CA TYR A 145 -13.61 21.56 4.39
C TYR A 145 -14.78 20.77 5.02
N ASP A 146 -15.01 19.55 4.52
CA ASP A 146 -16.21 18.77 4.84
C ASP A 146 -15.79 17.57 5.70
N PHE A 147 -15.93 17.70 7.02
CA PHE A 147 -15.63 16.59 7.93
C PHE A 147 -16.52 15.37 7.68
N ASP A 148 -17.71 15.56 7.10
CA ASP A 148 -18.66 14.45 6.80
C ASP A 148 -18.45 13.74 5.45
N SER A 149 -17.52 14.21 4.64
CA SER A 149 -17.28 13.63 3.33
C SER A 149 -17.00 12.11 3.33
N ILE A 150 -17.58 11.40 2.37
CA ILE A 150 -17.19 9.99 2.10
C ILE A 150 -15.72 9.88 1.66
N MET A 151 -15.15 11.02 1.23
CA MET A 151 -13.71 11.09 0.87
C MET A 151 -12.81 11.40 2.05
N HIS A 152 -13.37 11.55 3.24
CA HIS A 152 -12.57 11.82 4.43
C HIS A 152 -12.34 10.51 5.18
N TYR A 153 -11.10 10.27 5.55
CA TYR A 153 -10.77 9.09 6.34
C TYR A 153 -11.30 9.22 7.79
N ALA A 154 -11.32 8.08 8.47
CA ALA A 154 -11.58 8.05 9.91
C ALA A 154 -10.27 8.40 10.63
N ARG A 155 -10.39 8.67 11.92
CA ARG A 155 -9.25 8.95 12.80
C ARG A 155 -8.12 7.90 12.76
N ASN A 156 -8.46 6.64 12.51
CA ASN A 156 -7.49 5.55 12.51
C ASN A 156 -7.47 4.75 11.20
N THR A 157 -7.85 5.35 10.07
CA THR A 157 -7.77 4.67 8.78
C THR A 157 -6.26 4.46 8.51
N PHE A 158 -5.91 3.24 8.08
CA PHE A 158 -4.51 2.80 7.90
C PHE A 158 -3.58 3.13 9.09
N SER A 159 -4.08 2.95 10.31
CA SER A 159 -3.27 3.14 11.49
C SER A 159 -2.46 1.88 11.80
N ARG A 160 -1.26 2.08 12.35
CA ARG A 160 -0.40 0.98 12.76
C ARG A 160 -0.94 0.18 13.97
N GLY A 161 -1.88 0.75 14.73
CA GLY A 161 -2.46 0.05 15.89
C GLY A 161 -3.87 0.52 16.23
N ILE A 162 -4.65 -0.38 16.84
CA ILE A 162 -6.08 -0.16 17.16
C ILE A 162 -6.36 1.20 17.83
N PHE A 163 -5.56 1.53 18.85
CA PHE A 163 -5.77 2.76 19.65
C PHE A 163 -4.91 3.99 19.25
N LEU A 164 -4.26 3.93 18.08
CA LEU A 164 -3.46 5.05 17.57
C LEU A 164 -4.18 5.77 16.41
N ASP A 165 -4.18 7.09 16.44
CA ASP A 165 -4.85 7.89 15.40
C ASP A 165 -3.88 8.29 14.29
N THR A 166 -4.34 8.20 13.04
CA THR A 166 -3.64 8.78 11.90
C THR A 166 -4.10 10.21 11.64
N ILE A 167 -5.34 10.55 12.01
CA ILE A 167 -5.89 11.88 11.81
C ILE A 167 -6.61 12.40 13.07
N VAL A 168 -6.32 13.63 13.46
CA VAL A 168 -6.93 14.27 14.62
C VAL A 168 -7.49 15.63 14.24
N PRO A 169 -8.84 15.79 14.28
CA PRO A 169 -9.40 17.11 13.99
C PRO A 169 -8.87 18.15 14.99
N LYS A 170 -8.68 19.39 14.52
CA LYS A 170 -8.02 20.43 15.32
C LYS A 170 -8.91 21.11 16.33
N TYR A 171 -10.21 21.21 16.04
CA TYR A 171 -11.10 22.05 16.84
C TYR A 171 -12.44 21.38 17.03
N GLU A 172 -13.27 21.98 17.87
CA GLU A 172 -14.58 21.47 18.16
C GLU A 172 -15.64 22.04 17.24
N VAL A 173 -16.64 21.23 16.90
CA VAL A 173 -17.82 21.66 16.15
C VAL A 173 -19.04 21.10 16.91
N ASN A 174 -19.97 21.97 17.26
CA ASN A 174 -21.07 21.62 18.17
C ASN A 174 -20.56 20.86 19.42
N GLY A 175 -19.52 21.42 20.05
CA GLY A 175 -19.04 20.98 21.35
C GLY A 175 -18.11 19.78 21.42
N VAL A 176 -17.83 19.14 20.29
CA VAL A 176 -16.91 17.99 20.22
C VAL A 176 -16.04 18.08 18.97
N LYS A 177 -14.96 17.32 18.92
CA LYS A 177 -14.20 17.18 17.67
C LYS A 177 -15.11 16.49 16.64
N PRO A 178 -15.12 16.98 15.39
CA PRO A 178 -16.05 16.39 14.42
C PRO A 178 -15.79 14.90 14.16
N PRO A 179 -16.86 14.09 14.13
CA PRO A 179 -16.62 12.71 13.75
C PRO A 179 -16.13 12.71 12.31
N ILE A 180 -15.14 11.88 12.03
CA ILE A 180 -14.65 11.75 10.67
C ILE A 180 -14.70 10.29 10.24
N GLY A 181 -15.02 10.06 8.96
CA GLY A 181 -14.95 8.75 8.35
C GLY A 181 -15.92 7.74 8.94
N GLN A 182 -17.05 8.22 9.44
CA GLN A 182 -18.07 7.37 10.10
C GLN A 182 -19.20 7.04 9.15
N ARG A 183 -19.46 7.91 8.17
CA ARG A 183 -20.60 7.75 7.25
C ARG A 183 -20.22 6.81 6.11
N THR A 184 -21.21 6.14 5.51
CA THR A 184 -20.97 5.28 4.36
C THR A 184 -21.75 5.73 3.14
N ARG A 185 -22.21 6.98 3.15
CA ARG A 185 -22.98 7.59 2.08
C ARG A 185 -22.38 8.96 1.79
N LEU A 186 -22.65 9.46 0.59
CA LEU A 186 -22.32 10.84 0.20
C LEU A 186 -22.82 11.84 1.20
N SER A 187 -21.98 12.80 1.55
CA SER A 187 -22.40 13.92 2.41
C SER A 187 -23.13 14.97 1.58
N LYS A 188 -23.85 15.86 2.29
CA LYS A 188 -24.40 17.07 1.68
C LYS A 188 -23.30 17.85 0.97
N GLY A 189 -22.15 17.97 1.62
CA GLY A 189 -21.01 18.66 1.01
C GLY A 189 -20.49 17.99 -0.25
N ASP A 190 -20.36 16.67 -0.23
CA ASP A 190 -19.96 15.90 -1.43
C ASP A 190 -20.88 16.20 -2.62
N ILE A 191 -22.19 16.20 -2.36
CA ILE A 191 -23.19 16.36 -3.41
C ILE A 191 -23.13 17.77 -4.01
N ALA A 192 -23.13 18.78 -3.15
CA ALA A 192 -23.03 20.19 -3.56
C ALA A 192 -21.80 20.43 -4.43
N GLN A 193 -20.67 19.87 -4.00
CA GLN A 193 -19.40 20.05 -4.69
C GLN A 193 -19.33 19.28 -6.01
N ALA A 194 -19.87 18.06 -6.02
CA ALA A 194 -19.93 17.28 -7.27
C ALA A 194 -20.83 17.98 -8.29
N ARG A 195 -21.90 18.60 -7.80
CA ARG A 195 -22.83 19.33 -8.68
CA ARG A 195 -22.83 19.32 -8.67
C ARG A 195 -22.15 20.52 -9.35
N LYS A 196 -21.34 21.26 -8.59
CA LYS A 196 -20.56 22.37 -9.16
C LYS A 196 -19.51 21.84 -10.14
N LEU A 197 -18.77 20.81 -9.75
CA LEU A 197 -17.75 20.19 -10.62
C LEU A 197 -18.31 19.70 -11.97
N TYR A 198 -19.49 19.08 -11.95
CA TYR A 198 -20.12 18.58 -13.17
C TYR A 198 -21.15 19.53 -13.78
N LYS A 199 -21.26 20.76 -13.25
CA LYS A 199 -22.17 21.78 -13.79
C LYS A 199 -23.60 21.24 -13.94
N CYS A 200 -24.08 20.57 -12.91
CA CYS A 200 -25.38 19.90 -12.95
C CYS A 200 -26.50 20.93 -12.88
N PRO A 201 -27.60 20.70 -13.62
CA PRO A 201 -28.78 21.57 -13.52
C PRO A 201 -29.48 21.45 -12.17
N ALA A 202 -30.19 22.51 -11.75
CA ALA A 202 -30.77 22.61 -10.39
C ALA A 202 -31.89 21.59 -10.12
C ACE B 1 14.57 -10.27 -6.80
O ACE B 1 13.37 -10.08 -7.11
CH3 ACE B 1 15.37 -11.04 -7.76
N ALA B 2 15.18 -9.82 -5.70
CA ALA B 2 16.63 -10.01 -5.43
C ALA B 2 16.88 -11.29 -4.62
N ALA B 3 16.54 -12.43 -5.18
CA ALA B 3 16.73 -13.74 -4.56
C ALA B 3 18.18 -14.17 -4.65
N THR B 4 18.70 -14.76 -3.56
CA THR B 4 20.07 -15.26 -3.55
C THR B 4 20.30 -16.29 -4.70
N SER B 5 21.44 -16.16 -5.36
CA SER B 5 21.89 -17.13 -6.34
C SER B 5 22.58 -18.33 -5.69
N ARG B 6 22.84 -18.28 -4.39
CA ARG B 6 23.72 -19.24 -3.75
C ARG B 6 22.94 -20.42 -3.18
N PRO B 7 23.11 -21.64 -3.76
CA PRO B 7 22.30 -22.77 -3.26
C PRO B 7 22.47 -23.07 -1.77
N GLU B 8 23.68 -22.87 -1.26
CA GLU B 8 23.98 -23.15 0.14
C GLU B 8 23.29 -22.21 1.15
N ARG B 9 22.78 -21.07 0.68
CA ARG B 9 21.99 -20.17 1.50
C ARG B 9 20.50 -20.46 1.55
N VAL B 10 20.02 -21.37 0.69
CA VAL B 10 18.63 -21.78 0.68
C VAL B 10 18.48 -22.85 1.77
N TRP B 11 17.52 -22.66 2.68
CA TRP B 11 17.33 -23.59 3.80
C TRP B 11 16.90 -24.96 3.24
N PRO B 12 17.68 -26.02 3.52
CA PRO B 12 17.31 -27.35 2.97
C PRO B 12 15.86 -27.76 3.28
N ASP B 13 15.15 -28.18 2.22
CA ASP B 13 13.74 -28.57 2.27
CA ASP B 13 13.75 -28.59 2.30
C ASP B 13 12.80 -27.49 2.78
N GLY B 14 13.25 -26.24 2.75
CA GLY B 14 12.46 -25.13 3.23
C GLY B 14 12.22 -25.10 4.73
N VAL B 15 13.01 -25.84 5.49
CA VAL B 15 12.82 -26.01 6.92
C VAL B 15 13.70 -25.03 7.67
N ILE B 16 13.06 -24.20 8.48
CA ILE B 16 13.74 -23.13 9.20
C ILE B 16 13.40 -23.28 10.67
N PRO B 17 14.28 -23.94 11.43
CA PRO B 17 14.07 -23.95 12.88
C PRO B 17 14.28 -22.57 13.53
N PHE B 18 13.54 -22.31 14.61
CA PHE B 18 13.61 -21.03 15.32
C PHE B 18 13.53 -21.19 16.84
N VAL B 19 14.11 -20.21 17.52
CA VAL B 19 13.98 -20.01 18.96
C VAL B 19 13.60 -18.54 19.16
N ILE B 20 12.69 -18.31 20.09
CA ILE B 20 12.39 -16.95 20.53
C ILE B 20 13.19 -16.65 21.81
N GLY B 21 13.99 -15.60 21.75
CA GLY B 21 14.84 -15.20 22.87
C GLY B 21 14.04 -14.56 23.98
N GLY B 22 14.74 -14.14 25.02
CA GLY B 22 14.11 -13.60 26.21
C GLY B 22 13.63 -12.17 26.07
N ASN B 23 12.70 -11.80 26.97
CA ASN B 23 12.22 -10.43 27.16
C ASN B 23 11.33 -9.86 26.03
N PHE B 24 10.54 -10.73 25.41
CA PHE B 24 9.46 -10.27 24.54
C PHE B 24 8.13 -10.44 25.26
N THR B 25 7.20 -9.53 25.02
CA THR B 25 5.83 -9.69 25.54
C THR B 25 5.14 -10.84 24.82
N GLY B 26 4.16 -11.48 25.47
CA GLY B 26 3.35 -12.56 24.84
C GLY B 26 2.67 -12.11 23.54
N SER B 27 2.38 -10.80 23.48
CA SER B 27 1.98 -10.09 22.27
C SER B 27 3.05 -10.11 21.18
N GLN B 28 4.25 -9.61 21.50
CA GLN B 28 5.37 -9.60 20.54
C GLN B 28 5.64 -10.99 20.00
N ARG B 29 5.61 -12.00 20.87
CA ARG B 29 5.79 -13.39 20.45
C ARG B 29 4.68 -13.88 19.50
N ALA B 30 3.44 -13.43 19.74
CA ALA B 30 2.34 -13.74 18.82
C ALA B 30 2.56 -13.15 17.42
N VAL B 31 3.12 -11.94 17.35
CA VAL B 31 3.49 -11.33 16.07
C VAL B 31 4.55 -12.15 15.30
N PHE B 32 5.54 -12.68 16.03
CA PHE B 32 6.55 -13.53 15.39
C PHE B 32 5.89 -14.76 14.79
N ARG B 33 4.99 -15.37 15.54
CA ARG B 33 4.30 -16.58 15.07
C ARG B 33 3.36 -16.27 13.89
N GLN B 34 2.64 -15.16 13.99
CA GLN B 34 1.80 -14.64 12.90
C GLN B 34 2.64 -14.46 11.60
N ALA B 35 3.79 -13.79 11.73
CA ALA B 35 4.65 -13.56 10.56
C ALA B 35 5.13 -14.87 9.93
N MET B 36 5.56 -15.82 10.76
CA MET B 36 6.02 -17.11 10.27
C MET B 36 4.88 -17.89 9.61
N ARG B 37 3.70 -17.88 10.24
CA ARG B 37 2.53 -18.54 9.66
C ARG B 37 2.13 -17.92 8.32
N HIS B 38 2.31 -16.61 8.18
CA HIS B 38 2.05 -15.95 6.89
C HIS B 38 2.93 -16.52 5.75
N TRP B 39 4.23 -16.64 6.02
CA TRP B 39 5.15 -17.32 5.09
C TRP B 39 4.69 -18.77 4.81
N GLU B 40 4.32 -19.50 5.85
CA GLU B 40 3.89 -20.90 5.68
C GLU B 40 2.59 -21.07 4.86
N LYS B 41 1.70 -20.11 4.99
CA LYS B 41 0.41 -20.15 4.30
C LYS B 41 0.53 -20.01 2.77
N HIS B 42 1.47 -19.18 2.32
CA HIS B 42 1.59 -18.83 0.91
C HIS B 42 2.74 -19.54 0.19
N THR B 43 3.65 -20.19 0.94
CA THR B 43 4.83 -20.88 0.38
C THR B 43 4.99 -22.27 1.05
N CYS B 44 5.96 -23.05 0.60
CA CYS B 44 6.22 -24.38 1.17
C CYS B 44 7.28 -24.33 2.27
N VAL B 45 7.66 -23.13 2.69
CA VAL B 45 8.56 -22.96 3.82
C VAL B 45 7.85 -23.39 5.10
N THR B 46 8.61 -24.08 5.96
CA THR B 46 8.17 -24.56 7.26
C THR B 46 9.03 -23.96 8.41
N PHE B 47 8.39 -23.27 9.35
CA PHE B 47 9.05 -22.83 10.57
C PHE B 47 8.66 -23.74 11.72
N LEU B 48 9.63 -24.15 12.55
CA LEU B 48 9.34 -24.93 13.75
C LEU B 48 10.30 -24.65 14.88
N GLU B 49 9.81 -24.95 16.08
CA GLU B 49 10.61 -24.77 17.27
C GLU B 49 11.85 -25.65 17.21
N ARG B 50 13.01 -25.03 17.32
CA ARG B 50 14.26 -25.74 17.25
C ARG B 50 14.42 -26.68 18.43
N THR B 51 14.97 -27.87 18.17
CA THR B 51 15.32 -28.84 19.21
C THR B 51 16.79 -29.19 19.12
N ASP B 52 17.17 -29.96 18.11
CA ASP B 52 18.55 -30.45 17.96
C ASP B 52 19.22 -29.93 16.69
N GLU B 53 18.56 -29.05 15.94
CA GLU B 53 19.11 -28.61 14.66
C GLU B 53 20.35 -27.73 14.88
N ASP B 54 21.36 -27.94 14.06
CA ASP B 54 22.60 -27.19 14.17
C ASP B 54 22.40 -25.71 13.87
N SER B 55 21.68 -25.42 12.79
CA SER B 55 21.45 -24.07 12.31
C SER B 55 20.00 -23.67 12.43
N TYR B 56 19.78 -22.42 12.85
CA TYR B 56 18.45 -21.95 13.16
C TYR B 56 18.44 -20.45 13.39
N ILE B 57 17.25 -19.87 13.37
CA ILE B 57 17.11 -18.44 13.62
C ILE B 57 16.74 -18.18 15.08
N VAL B 58 17.16 -17.03 15.60
CA VAL B 58 16.86 -16.64 16.98
C VAL B 58 16.28 -15.22 16.98
N PHE B 59 14.99 -15.11 17.34
CA PHE B 59 14.38 -13.79 17.54
C PHE B 59 15.00 -13.23 18.80
N THR B 60 15.72 -12.13 18.66
CA THR B 60 16.56 -11.61 19.73
C THR B 60 16.23 -10.16 20.04
N TYR B 61 15.95 -9.90 21.31
CA TYR B 61 15.61 -8.55 21.76
C TYR B 61 16.88 -7.72 21.81
N ARG B 62 16.99 -6.78 20.89
CA ARG B 62 18.08 -5.82 20.84
C ARG B 62 17.86 -4.77 19.74
N PRO B 63 18.73 -3.75 19.65
CA PRO B 63 18.46 -2.64 18.72
C PRO B 63 18.26 -3.09 17.28
N CYS B 64 17.44 -2.35 16.53
CA CYS B 64 17.16 -2.62 15.12
C CYS B 64 18.43 -2.45 14.30
N GLY B 65 18.78 -3.45 13.50
CA GLY B 65 20.07 -3.51 12.78
C GLY B 65 19.98 -3.09 11.32
N CYS B 66 21.12 -2.78 10.71
CA CYS B 66 21.17 -2.27 9.32
C CYS B 66 21.13 -3.36 8.27
N CYS B 67 21.78 -4.48 8.57
CA CYS B 67 22.40 -5.29 7.52
C CYS B 67 22.14 -6.77 7.82
N SER B 68 20.86 -7.12 7.88
CA SER B 68 20.42 -8.49 8.22
C SER B 68 21.04 -9.54 7.27
N TYR B 69 21.33 -10.74 7.79
CA TYR B 69 21.95 -11.80 6.99
C TYR B 69 20.92 -12.37 6.03
N VAL B 70 21.31 -12.65 4.79
CA VAL B 70 20.39 -13.16 3.78
C VAL B 70 20.59 -14.64 3.56
N GLY B 71 19.55 -15.43 3.83
CA GLY B 71 19.61 -16.87 3.69
C GLY B 71 20.16 -17.53 4.94
N ARG B 72 20.42 -18.81 4.82
CA ARG B 72 20.97 -19.64 5.90
C ARG B 72 22.47 -19.43 6.01
N ARG B 73 22.92 -18.90 7.13
CA ARG B 73 24.33 -18.74 7.33
C ARG B 73 25.02 -20.07 7.57
N GLY B 74 24.39 -20.96 8.31
CA GLY B 74 24.98 -22.27 8.56
C GLY B 74 25.96 -22.22 9.70
N GLY B 75 26.27 -23.38 10.24
CA GLY B 75 27.23 -23.51 11.33
C GLY B 75 26.80 -22.88 12.65
N GLY B 76 25.50 -22.81 12.90
CA GLY B 76 24.99 -22.30 14.16
C GLY B 76 23.83 -21.35 14.02
N PRO B 77 23.39 -20.77 15.16
CA PRO B 77 22.28 -19.84 15.17
C PRO B 77 22.60 -18.55 14.42
N GLN B 78 21.57 -17.85 13.96
CA GLN B 78 21.72 -16.50 13.40
C GLN B 78 20.60 -15.65 13.98
N ALA B 79 20.96 -14.45 14.43
CA ALA B 79 20.03 -13.56 15.15
C ALA B 79 19.13 -12.82 14.20
N ILE B 80 17.87 -12.60 14.58
CA ILE B 80 17.04 -11.56 13.98
C ILE B 80 16.83 -10.55 15.08
N SER B 81 17.40 -9.35 14.88
CA SER B 81 17.33 -8.28 15.85
C SER B 81 15.97 -7.63 15.82
N ILE B 82 15.22 -7.77 16.91
CA ILE B 82 13.94 -7.13 17.05
C ILE B 82 14.03 -6.11 18.20
N GLY B 83 13.76 -4.87 17.87
CA GLY B 83 13.71 -3.78 18.87
C GLY B 83 12.41 -3.03 18.83
N LYS B 84 12.33 -1.95 19.62
CA LYS B 84 11.08 -1.17 19.78
C LYS B 84 10.63 -0.57 18.43
N ASN B 85 11.59 -0.18 17.59
CA ASN B 85 11.27 0.42 16.30
C ASN B 85 11.05 -0.57 15.12
N CYS B 86 11.05 -1.89 15.36
CA CYS B 86 11.02 -2.86 14.26
C CYS B 86 10.44 -4.21 14.67
N ASP B 87 9.31 -4.17 15.38
CA ASP B 87 8.71 -5.37 15.93
C ASP B 87 7.32 -5.67 15.39
N LYS B 88 6.81 -4.87 14.47
CA LYS B 88 5.47 -5.09 13.92
C LYS B 88 5.45 -6.13 12.81
N PHE B 89 4.25 -6.65 12.54
CA PHE B 89 4.05 -7.81 11.66
C PHE B 89 4.77 -7.68 10.31
N GLY B 90 4.54 -6.56 9.62
CA GLY B 90 5.12 -6.30 8.30
C GLY B 90 6.63 -6.26 8.25
N ILE B 91 7.23 -5.65 9.25
CA ILE B 91 8.67 -5.57 9.36
C ILE B 91 9.23 -6.96 9.66
N VAL B 92 8.53 -7.75 10.48
CA VAL B 92 8.99 -9.11 10.78
C VAL B 92 8.87 -10.00 9.53
N VAL B 93 7.79 -9.83 8.79
CA VAL B 93 7.63 -10.55 7.52
C VAL B 93 8.80 -10.22 6.54
N HIS B 94 9.18 -8.94 6.47
CA HIS B 94 10.35 -8.46 5.68
C HIS B 94 11.67 -9.13 6.13
N GLU B 95 11.91 -9.14 7.45
CA GLU B 95 13.10 -9.79 8.01
C GLU B 95 13.12 -11.25 7.72
N LEU B 96 11.97 -11.91 7.82
CA LEU B 96 11.86 -13.32 7.46
C LEU B 96 12.15 -13.55 5.95
N GLY B 97 11.82 -12.57 5.12
CA GLY B 97 12.29 -12.54 3.74
C GLY B 97 13.80 -12.61 3.60
N HIS B 98 14.53 -11.83 4.39
CA HIS B 98 15.98 -11.92 4.39
C HIS B 98 16.41 -13.35 4.77
N VAL B 99 15.82 -13.88 5.85
CA VAL B 99 16.11 -15.25 6.30
C VAL B 99 15.95 -16.30 5.18
N VAL B 100 14.86 -16.25 4.40
CA VAL B 100 14.62 -17.29 3.41
C VAL B 100 15.50 -17.11 2.17
N GLY B 101 16.05 -15.91 1.98
CA GLY B 101 17.04 -15.64 0.93
C GLY B 101 16.86 -14.44 0.00
N PHE B 102 16.12 -13.43 0.41
CA PHE B 102 15.92 -12.22 -0.39
C PHE B 102 16.75 -11.06 0.14
N TRP B 103 17.47 -10.41 -0.78
CA TRP B 103 18.05 -9.09 -0.54
C TRP B 103 16.94 -8.07 -0.79
N HIS B 104 17.26 -6.79 -0.64
CA HIS B 104 16.32 -5.73 -0.92
C HIS B 104 16.05 -5.63 -2.42
N GLU B 105 14.78 -5.47 -2.77
CA GLU B 105 14.34 -5.49 -4.17
C GLU B 105 15.02 -4.40 -4.99
N HIS B 106 15.24 -3.23 -4.38
CA HIS B 106 15.84 -2.12 -5.09
C HIS B 106 17.31 -2.33 -5.41
N THR B 107 17.93 -3.39 -4.85
CA THR B 107 19.30 -3.73 -5.18
C THR B 107 19.42 -4.77 -6.30
N ARG B 108 18.31 -5.23 -6.87
CA ARG B 108 18.36 -6.11 -8.03
C ARG B 108 19.31 -5.52 -9.09
N PRO B 109 20.09 -6.37 -9.77
CA PRO B 109 21.01 -5.82 -10.80
C PRO B 109 20.32 -5.03 -11.94
N ASP B 110 19.03 -5.31 -12.21
CA ASP B 110 18.28 -4.60 -13.24
C ASP B 110 17.45 -3.40 -12.72
N ARG B 111 17.74 -2.94 -11.49
CA ARG B 111 16.91 -1.94 -10.82
C ARG B 111 16.85 -0.57 -11.52
N ASP B 112 17.91 -0.21 -12.26
CA ASP B 112 17.96 1.10 -12.96
C ASP B 112 16.98 1.21 -14.13
N ARG B 113 16.47 0.08 -14.63
CA ARG B 113 15.35 0.10 -15.56
C ARG B 113 14.02 0.50 -14.86
N HIS B 114 13.96 0.37 -13.54
CA HIS B 114 12.70 0.49 -12.81
C HIS B 114 12.59 1.63 -11.83
N VAL B 115 13.69 1.99 -11.17
CA VAL B 115 13.68 3.10 -10.23
C VAL B 115 14.89 3.99 -10.45
N SER B 116 14.74 5.27 -10.10
CA SER B 116 15.85 6.20 -10.00
C SER B 116 16.22 6.32 -8.54
N ILE B 117 17.53 6.31 -8.27
CA ILE B 117 18.05 6.65 -6.96
C ILE B 117 18.38 8.16 -6.91
N VAL B 118 17.72 8.89 -6.02
CA VAL B 118 17.92 10.35 -5.94
C VAL B 118 19.04 10.59 -4.95
N ARG B 119 20.27 10.56 -5.46
CA ARG B 119 21.49 10.54 -4.62
C ARG B 119 21.66 11.76 -3.71
N GLU B 120 21.22 12.92 -4.21
CA GLU B 120 21.29 14.17 -3.42
C GLU B 120 20.47 14.11 -2.14
N ASN B 121 19.49 13.20 -2.06
CA ASN B 121 18.63 13.06 -0.87
C ASN B 121 19.07 11.97 0.12
N ILE B 122 20.08 11.18 -0.21
CA ILE B 122 20.53 10.13 0.69
C ILE B 122 21.29 10.79 1.84
N GLN B 123 20.95 10.40 3.08
CA GLN B 123 21.73 10.78 4.26
C GLN B 123 23.20 10.43 4.02
N PRO B 124 24.12 11.40 4.20
CA PRO B 124 25.54 11.07 4.14
C PRO B 124 25.89 9.87 5.00
N GLY B 125 26.65 8.94 4.43
CA GLY B 125 26.99 7.70 5.13
C GLY B 125 26.06 6.52 4.92
N GLN B 126 24.88 6.73 4.30
CA GLN B 126 23.91 5.67 4.04
C GLN B 126 23.85 5.22 2.55
N GLU B 127 24.84 5.64 1.76
CA GLU B 127 24.83 5.40 0.31
C GLU B 127 24.94 3.92 0.02
N TYR B 128 25.68 3.22 0.87
CA TYR B 128 25.90 1.77 0.74
C TYR B 128 24.61 0.96 0.66
N ASN B 129 23.54 1.43 1.32
CA ASN B 129 22.22 0.78 1.30
C ASN B 129 21.54 0.74 -0.07
N PHE B 130 22.03 1.56 -1.00
CA PHE B 130 21.45 1.72 -2.34
C PHE B 130 22.29 1.09 -3.46
N LEU B 131 23.47 0.57 -3.17
CA LEU B 131 24.31 -0.05 -4.20
C LEU B 131 23.62 -1.29 -4.71
N LYS B 132 23.63 -1.48 -6.04
CA LYS B 132 23.14 -2.76 -6.61
C LYS B 132 23.94 -3.97 -6.12
N MET B 133 23.27 -5.12 -6.02
CA MET B 133 23.97 -6.40 -5.90
C MET B 133 24.66 -6.67 -7.23
N GLU B 134 25.83 -7.29 -7.17
CA GLU B 134 26.49 -7.82 -8.37
C GLU B 134 25.64 -8.95 -8.93
N PRO B 135 25.58 -9.07 -10.27
CA PRO B 135 24.72 -10.12 -10.85
C PRO B 135 24.98 -11.53 -10.30
N GLN B 136 26.23 -11.84 -9.99
CA GLN B 136 26.58 -13.12 -9.43
C GLN B 136 25.86 -13.47 -8.14
N GLU B 137 25.42 -12.48 -7.37
CA GLU B 137 24.71 -12.74 -6.10
C GLU B 137 23.20 -12.94 -6.20
N VAL B 138 22.63 -12.64 -7.36
CA VAL B 138 21.18 -12.67 -7.54
C VAL B 138 20.77 -13.59 -8.69
N GLU B 139 19.73 -14.37 -8.45
CA GLU B 139 19.06 -15.09 -9.51
C GLU B 139 17.56 -14.83 -9.34
N SER B 140 17.02 -13.93 -10.16
CA SER B 140 15.62 -13.51 -10.06
C SER B 140 14.59 -14.55 -10.50
N LEU B 141 15.05 -15.66 -11.08
CA LEU B 141 14.21 -16.81 -11.46
C LEU B 141 13.10 -16.43 -12.45
N GLY B 142 13.46 -15.52 -13.37
CA GLY B 142 12.57 -15.06 -14.44
C GLY B 142 11.45 -14.16 -13.96
N GLU B 143 11.54 -13.65 -12.73
CA GLU B 143 10.50 -12.80 -12.16
C GLU B 143 10.86 -11.32 -12.35
N THR B 144 9.87 -10.52 -12.72
CA THR B 144 10.07 -9.09 -12.96
C THR B 144 10.27 -8.32 -11.65
N TYR B 145 10.72 -7.08 -11.80
CA TYR B 145 10.99 -6.20 -10.68
C TYR B 145 9.68 -5.89 -9.95
N ASP B 146 9.66 -6.10 -8.64
CA ASP B 146 8.39 -6.09 -7.90
C ASP B 146 8.28 -4.83 -7.01
N PHE B 147 7.62 -3.80 -7.54
CA PHE B 147 7.43 -2.55 -6.80
C PHE B 147 6.65 -2.78 -5.49
N ASP B 148 5.75 -3.78 -5.49
CA ASP B 148 4.95 -4.14 -4.32
C ASP B 148 5.62 -5.12 -3.31
N SER B 149 6.88 -5.48 -3.54
CA SER B 149 7.56 -6.45 -2.66
C SER B 149 7.64 -5.94 -1.24
N ILE B 150 7.38 -6.85 -0.30
CA ILE B 150 7.66 -6.63 1.12
C ILE B 150 9.16 -6.27 1.34
N MET B 151 10.01 -6.62 0.36
CA MET B 151 11.43 -6.33 0.38
C MET B 151 11.85 -4.97 -0.26
N HIS B 152 10.89 -4.16 -0.69
CA HIS B 152 11.19 -2.93 -1.39
C HIS B 152 11.19 -1.77 -0.41
N TYR B 153 12.21 -0.92 -0.51
CA TYR B 153 12.30 0.29 0.31
C TYR B 153 11.14 1.22 0.03
N ALA B 154 10.78 2.01 1.04
CA ALA B 154 9.85 3.13 0.89
C ALA B 154 10.55 4.23 0.06
N ARG B 155 9.74 5.16 -0.43
CA ARG B 155 10.21 6.30 -1.23
C ARG B 155 11.27 7.17 -0.57
N ASN B 156 11.29 7.21 0.77
CA ASN B 156 12.12 8.16 1.52
C ASN B 156 13.03 7.46 2.53
N THR B 157 13.36 6.20 2.30
CA THR B 157 14.26 5.45 3.20
C THR B 157 15.63 6.13 3.20
N PHE B 158 16.20 6.33 4.39
CA PHE B 158 17.48 7.02 4.59
C PHE B 158 17.55 8.41 3.93
N SER B 159 16.42 9.10 3.86
CA SER B 159 16.38 10.43 3.26
C SER B 159 16.82 11.53 4.24
N ARG B 160 17.41 12.60 3.71
CA ARG B 160 17.68 13.86 4.46
C ARG B 160 16.40 14.48 5.06
N GLY B 161 15.24 14.14 4.50
CA GLY B 161 13.97 14.60 5.05
C GLY B 161 12.80 13.68 4.69
N ILE B 162 11.79 13.72 5.55
CA ILE B 162 10.61 12.89 5.40
C ILE B 162 9.98 13.06 4.01
N PHE B 163 9.90 14.30 3.51
CA PHE B 163 9.26 14.57 2.21
C PHE B 163 10.23 14.70 1.02
N LEU B 164 11.45 14.19 1.16
CA LEU B 164 12.42 14.13 0.07
C LEU B 164 12.57 12.66 -0.32
N ASP B 165 12.42 12.35 -1.60
CA ASP B 165 12.52 10.96 -2.07
C ASP B 165 13.94 10.53 -2.33
N THR B 166 14.27 9.31 -1.92
CA THR B 166 15.51 8.66 -2.31
C THR B 166 15.31 7.66 -3.46
N ILE B 167 14.09 7.12 -3.60
CA ILE B 167 13.77 6.18 -4.67
C ILE B 167 12.46 6.62 -5.34
N VAL B 168 12.52 6.79 -6.66
CA VAL B 168 11.39 7.20 -7.47
C VAL B 168 11.26 6.21 -8.62
N PRO B 169 10.13 5.47 -8.70
CA PRO B 169 9.83 4.63 -9.86
C PRO B 169 9.86 5.43 -11.16
N LYS B 170 10.42 4.84 -12.20
CA LYS B 170 10.69 5.56 -13.43
C LYS B 170 9.48 5.74 -14.32
N TYR B 171 8.51 4.83 -14.25
CA TYR B 171 7.38 4.88 -15.18
C TYR B 171 6.04 4.64 -14.51
N GLU B 172 5.02 5.09 -15.22
CA GLU B 172 3.64 4.94 -14.81
C GLU B 172 3.17 3.54 -15.17
N VAL B 173 2.32 2.99 -14.32
CA VAL B 173 1.62 1.74 -14.58
C VAL B 173 0.15 2.15 -14.59
N ASN B 174 -0.47 2.10 -15.78
CA ASN B 174 -1.84 2.58 -15.98
C ASN B 174 -2.06 4.02 -15.50
N GLY B 175 -1.14 4.91 -15.83
CA GLY B 175 -1.26 6.33 -15.48
C GLY B 175 -0.88 6.76 -14.07
N VAL B 176 -0.64 5.80 -13.17
CA VAL B 176 -0.22 6.07 -11.80
C VAL B 176 1.13 5.39 -11.54
N LYS B 177 2.12 6.13 -11.07
CA LYS B 177 3.40 5.53 -10.66
C LYS B 177 3.19 4.54 -9.52
N PRO B 178 3.78 3.33 -9.61
CA PRO B 178 3.47 2.36 -8.56
C PRO B 178 3.92 2.81 -7.16
N PRO B 179 3.10 2.51 -6.12
CA PRO B 179 3.55 2.76 -4.75
C PRO B 179 4.58 1.74 -4.32
N ILE B 180 5.51 2.17 -3.46
CA ILE B 180 6.56 1.31 -2.94
C ILE B 180 6.62 1.42 -1.42
N GLY B 181 7.23 0.42 -0.80
CA GLY B 181 7.38 0.38 0.65
C GLY B 181 6.27 -0.26 1.44
N GLN B 182 5.39 -1.04 0.81
CA GLN B 182 4.32 -1.69 1.60
C GLN B 182 4.90 -2.69 2.64
N ARG B 183 4.34 -2.69 3.84
CA ARG B 183 4.68 -3.64 4.88
C ARG B 183 3.41 -4.27 5.49
N THR B 184 2.48 -4.63 4.62
CA THR B 184 1.18 -5.22 5.01
C THR B 184 1.18 -6.74 4.87
N ARG B 185 1.79 -7.24 3.80
CA ARG B 185 1.76 -8.67 3.49
C ARG B 185 2.68 -9.01 2.32
N LEU B 186 2.93 -10.29 2.13
CA LEU B 186 3.68 -10.75 0.98
C LEU B 186 2.92 -10.43 -0.29
N SER B 187 3.64 -9.88 -1.24
CA SER B 187 3.07 -9.55 -2.53
C SER B 187 2.95 -10.79 -3.39
N LYS B 188 2.17 -10.67 -4.45
CA LYS B 188 2.06 -11.71 -5.49
C LYS B 188 3.45 -12.12 -6.00
N GLY B 189 4.27 -11.12 -6.33
CA GLY B 189 5.65 -11.36 -6.75
C GLY B 189 6.51 -12.05 -5.70
N ASP B 190 6.38 -11.65 -4.43
CA ASP B 190 7.16 -12.28 -3.35
C ASP B 190 6.80 -13.77 -3.27
N ILE B 191 5.53 -14.09 -3.38
CA ILE B 191 5.07 -15.47 -3.25
C ILE B 191 5.52 -16.33 -4.43
N ALA B 192 5.31 -15.81 -5.64
CA ALA B 192 5.72 -16.48 -6.87
C ALA B 192 7.22 -16.75 -6.88
N GLN B 193 8.00 -15.76 -6.46
CA GLN B 193 9.45 -15.91 -6.48
C GLN B 193 9.93 -16.86 -5.37
N ALA B 194 9.36 -16.74 -4.17
CA ALA B 194 9.69 -17.63 -3.06
C ALA B 194 9.36 -19.09 -3.41
N ARG B 195 8.24 -19.28 -4.10
CA ARG B 195 7.87 -20.63 -4.56
C ARG B 195 8.87 -21.26 -5.51
N LYS B 196 9.41 -20.46 -6.42
CA LYS B 196 10.45 -20.95 -7.33
C LYS B 196 11.74 -21.20 -6.56
N LEU B 197 12.12 -20.27 -5.70
CA LEU B 197 13.36 -20.42 -4.92
C LEU B 197 13.38 -21.72 -4.10
N TYR B 198 12.26 -22.06 -3.47
CA TYR B 198 12.16 -23.29 -2.66
C TYR B 198 11.55 -24.49 -3.40
N LYS B 199 11.34 -24.35 -4.72
CA LYS B 199 10.90 -25.42 -5.60
C LYS B 199 9.65 -26.08 -5.04
N CYS B 200 8.67 -25.26 -4.69
CA CYS B 200 7.51 -25.71 -3.96
C CYS B 200 6.61 -26.50 -4.92
N PRO B 201 6.05 -27.63 -4.45
CA PRO B 201 5.10 -28.39 -5.30
C PRO B 201 3.86 -27.55 -5.64
N ALA B 202 3.33 -27.68 -6.85
CA ALA B 202 2.18 -26.87 -7.33
C ALA B 202 0.83 -27.40 -6.84
C1 EDO C . -12.37 2.46 6.47
O1 EDO C . -11.94 1.20 7.02
C2 EDO C . -12.18 3.59 7.48
O2 EDO C . -11.06 3.35 8.35
ZN ZN D . -9.37 6.84 -1.34
ZN ZN E . -15.05 18.20 -0.27
C10 E8M F . -8.33 -0.81 4.52
C13 E8M F . -8.70 0.55 4.00
C20 E8M F . -10.54 4.03 1.79
C26 E8M F . -12.89 4.59 2.53
C01 E8M F . -10.55 -1.72 4.09
N05 E8M F . -9.10 -1.85 3.82
C06 E8M F . -8.61 -3.19 4.18
N14 E8M F . -8.77 1.61 4.74
O15 E8M F . -9.12 2.63 3.83
C16 E8M F . -9.23 2.04 2.63
N17 E8M F . -8.99 0.77 2.67
C18 E8M F . -9.63 2.85 1.44
C23 E8M F . -11.63 3.80 2.83
C29 E8M F . -13.76 4.94 3.73
C31 E8M F . -15.21 5.16 3.34
C34 E8M F . -16.09 5.48 4.54
C37 E8M F . -15.57 6.68 5.30
C40 E8M F . -14.11 6.49 5.69
C43 E8M F . -13.25 6.15 4.47
C46 E8M F . -8.42 3.29 0.61
C49 E8M F . -8.68 4.42 -0.38
O50 E8M F . -8.50 5.61 -0.10
N51 E8M F . -9.14 4.00 -1.54
O53 E8M F . -9.43 4.94 -2.52
ZN ZN G . 15.73 -5.34 4.99
ZN ZN H . 11.43 -9.82 -6.00
#